data_8WQQ
#
_entry.id   8WQQ
#
_cell.length_a   74.199
_cell.length_b   77.296
_cell.length_c   96.779
_cell.angle_alpha   90.00
_cell.angle_beta   90.00
_cell.angle_gamma   90.00
#
_symmetry.space_group_name_H-M   'P 21 21 21'
#
loop_
_entity.id
_entity.type
_entity.pdbx_description
1 polymer 'mRNA-decapping protein g5R'
2 water water
#
_entity_poly.entity_id   1
_entity_poly.type   'polypeptide(L)'
_entity_poly.pdbx_seq_one_letter_code
;QLKTSIGLITCRMNTQNNQIETILVQKRYSLAFSEFIHCHYSINANQGHLIKMFNNMTINERLLVKTLDFDRMWYHIWIE
TPVYELYHKKYQKFRKNWLLPDNGKKLISLINQAKGSGTLLWEIPKGKPKEDESDLTCAIREFEEETGITREYYQILPEF
KKSMSYFDGKTEYKHIYFLAMLCKSLEEPNMNLSLQYENRIAEISKISWQNMEAVRFISKRQSFNLEPMIGPAFNFIKNY
LRY
;
_entity_poly.pdbx_strand_id   A,B
#
# COMPACT_ATOMS: atom_id res chain seq x y z
N GLN A 1 32.03 5.29 0.24
CA GLN A 1 31.37 5.19 1.54
C GLN A 1 30.53 3.93 1.61
N LEU A 2 30.65 3.19 2.71
CA LEU A 2 30.01 1.90 2.87
C LEU A 2 29.00 1.94 4.01
N LYS A 3 27.78 1.48 3.72
CA LYS A 3 26.67 1.46 4.67
C LYS A 3 26.30 0.01 4.92
N THR A 4 26.47 -0.44 6.15
CA THR A 4 26.27 -1.84 6.50
C THR A 4 25.02 -1.98 7.36
N SER A 5 24.10 -2.83 6.94
CA SER A 5 22.92 -3.19 7.71
C SER A 5 22.96 -4.67 8.01
N ILE A 6 22.45 -5.04 9.17
CA ILE A 6 22.40 -6.44 9.59
C ILE A 6 20.96 -6.78 9.96
N GLY A 7 20.50 -7.94 9.49
CA GLY A 7 19.12 -8.33 9.67
C GLY A 7 19.01 -9.81 10.04
N LEU A 8 17.78 -10.19 10.39
CA LEU A 8 17.48 -11.54 10.86
C LEU A 8 16.37 -12.12 9.98
N ILE A 9 16.65 -13.30 9.42
CA ILE A 9 15.68 -14.05 8.63
C ILE A 9 15.02 -15.06 9.56
N THR A 10 13.80 -14.77 10.00
CA THR A 10 13.09 -15.62 10.94
C THR A 10 12.10 -16.49 10.18
N CYS A 11 12.22 -17.79 10.36
CA CYS A 11 11.46 -18.76 9.58
C CYS A 11 10.65 -19.68 10.48
N ARG A 12 9.61 -20.25 9.86
CA ARG A 12 8.63 -21.10 10.51
C ARG A 12 8.23 -22.18 9.53
N MET A 13 8.02 -23.39 10.03
CA MET A 13 7.32 -24.42 9.26
C MET A 13 5.84 -24.34 9.59
N ASN A 14 5.03 -23.98 8.59
CA ASN A 14 3.58 -23.95 8.73
C ASN A 14 3.08 -25.37 8.86
N THR A 15 2.58 -25.71 10.06
CA THR A 15 2.16 -27.07 10.36
C THR A 15 0.91 -27.50 9.59
N GLN A 16 0.20 -26.59 8.92
CA GLN A 16 -1.00 -26.98 8.21
C GLN A 16 -0.73 -27.37 6.76
N ASN A 17 0.13 -26.62 6.06
CA ASN A 17 0.43 -26.90 4.66
C ASN A 17 1.78 -27.57 4.47
N ASN A 18 2.64 -27.58 5.50
CA ASN A 18 4.06 -27.92 5.37
C ASN A 18 4.77 -27.06 4.33
N GLN A 19 4.69 -25.75 4.53
CA GLN A 19 5.47 -24.78 3.77
C GLN A 19 6.35 -24.01 4.73
N ILE A 20 7.55 -23.67 4.28
CA ILE A 20 8.45 -22.83 5.05
C ILE A 20 8.10 -21.38 4.74
N GLU A 21 8.05 -20.55 5.79
CA GLU A 21 7.67 -19.15 5.68
C GLU A 21 8.67 -18.29 6.45
N THR A 22 8.85 -17.06 5.99
CA THR A 22 9.73 -16.10 6.64
C THR A 22 8.97 -14.83 6.97
N ILE A 23 9.44 -14.12 7.99
CA ILE A 23 8.88 -12.84 8.37
C ILE A 23 9.39 -11.76 7.41
N LEU A 24 8.48 -11.09 6.71
CA LEU A 24 8.82 -9.93 5.89
C LEU A 24 8.00 -8.74 6.37
N VAL A 25 8.56 -7.54 6.20
CA VAL A 25 7.89 -6.30 6.56
C VAL A 25 7.76 -5.42 5.32
N GLN A 26 6.61 -4.76 5.21
CA GLN A 26 6.35 -3.82 4.12
C GLN A 26 6.57 -2.40 4.63
N LYS A 27 7.25 -1.60 3.83
CA LYS A 27 7.54 -0.23 4.24
C LYS A 27 6.26 0.60 4.30
N ARG A 28 6.30 1.65 5.11
CA ARG A 28 5.17 2.54 5.27
C ARG A 28 5.17 3.68 4.26
N TYR A 29 6.35 4.13 3.83
CA TYR A 29 6.45 5.20 2.84
C TYR A 29 7.54 4.86 1.83
N SER A 30 7.49 5.56 0.70
CA SER A 30 8.44 5.28 -0.38
C SER A 30 9.77 5.96 -0.12
N LEU A 31 10.82 5.41 -0.74
CA LEU A 31 12.13 6.06 -0.66
C LEU A 31 12.10 7.44 -1.32
N ALA A 32 11.34 7.59 -2.41
CA ALA A 32 11.26 8.88 -3.09
C ALA A 32 10.72 9.97 -2.17
N PHE A 33 9.64 9.67 -1.44
CA PHE A 33 9.09 10.64 -0.49
C PHE A 33 10.14 11.05 0.54
N SER A 34 10.82 10.06 1.13
CA SER A 34 11.88 10.36 2.10
C SER A 34 12.97 11.23 1.50
N GLU A 35 13.45 10.88 0.30
CA GLU A 35 14.51 11.65 -0.32
C GLU A 35 14.07 13.09 -0.59
N PHE A 36 12.81 13.29 -0.98
CA PHE A 36 12.33 14.65 -1.16
C PHE A 36 12.27 15.39 0.17
N ILE A 37 11.75 14.74 1.20
CA ILE A 37 11.58 15.41 2.48
C ILE A 37 12.94 15.79 3.07
N HIS A 38 13.95 14.94 2.86
CA HIS A 38 15.29 15.21 3.36
C HIS A 38 16.19 15.91 2.36
N CYS A 39 15.63 16.44 1.27
CA CYS A 39 16.37 17.19 0.25
C CYS A 39 17.58 16.42 -0.27
N HIS A 40 17.34 15.18 -0.68
CA HIS A 40 18.35 14.39 -1.39
C HIS A 40 18.10 14.45 -2.90
N TYR A 41 18.04 15.68 -3.40
CA TYR A 41 17.82 15.96 -4.81
C TYR A 41 18.50 17.27 -5.17
N SER A 42 18.61 17.53 -6.47
CA SER A 42 19.20 18.76 -7.00
C SER A 42 18.10 19.64 -7.60
N ILE A 43 17.91 20.84 -7.03
CA ILE A 43 16.91 21.80 -7.49
C ILE A 43 17.21 22.27 -8.91
N ASN A 44 18.49 22.29 -9.28
CA ASN A 44 18.94 22.71 -10.60
C ASN A 44 18.81 21.60 -11.64
N ALA A 45 18.16 20.50 -11.28
CA ALA A 45 17.86 19.43 -12.22
C ALA A 45 16.97 19.92 -13.34
N ASN A 46 17.08 19.25 -14.48
CA ASN A 46 16.09 19.50 -15.51
C ASN A 46 14.79 18.85 -15.04
N GLN A 47 13.69 19.18 -15.71
CA GLN A 47 12.39 18.81 -15.17
C GLN A 47 12.29 17.31 -14.91
N GLY A 48 12.61 16.50 -15.92
CA GLY A 48 12.51 15.05 -15.80
C GLY A 48 13.20 14.45 -14.59
N HIS A 49 14.27 15.09 -14.11
CA HIS A 49 15.09 14.49 -13.08
C HIS A 49 14.46 14.58 -11.69
N LEU A 50 13.62 15.58 -11.45
CA LEU A 50 12.63 15.57 -10.37
C LEU A 50 11.33 14.89 -10.75
N ILE A 51 11.03 14.76 -12.03
CA ILE A 51 9.81 14.08 -12.43
C ILE A 51 9.88 12.62 -12.00
N LYS A 52 11.05 12.01 -12.11
CA LYS A 52 11.16 10.59 -11.74
C LYS A 52 11.00 10.39 -10.23
N MET A 53 11.58 11.28 -9.42
CA MET A 53 11.40 11.18 -7.98
C MET A 53 9.93 11.33 -7.60
N PHE A 54 9.26 12.34 -8.15
CA PHE A 54 7.83 12.50 -7.87
C PHE A 54 7.02 11.31 -8.40
N ASN A 55 7.44 10.73 -9.53
CA ASN A 55 6.71 9.62 -10.11
C ASN A 55 6.76 8.40 -9.20
N ASN A 56 7.86 8.22 -8.47
CA ASN A 56 8.01 7.01 -7.67
C ASN A 56 7.50 7.18 -6.24
N MET A 57 6.84 8.29 -5.94
CA MET A 57 6.07 8.40 -4.71
C MET A 57 4.70 7.74 -4.89
N THR A 58 4.04 7.48 -3.77
CA THR A 58 2.65 7.06 -3.82
C THR A 58 1.75 8.27 -4.08
N ILE A 59 0.50 7.99 -4.47
CA ILE A 59 -0.46 9.07 -4.71
C ILE A 59 -0.70 9.86 -3.43
N ASN A 60 -0.84 9.16 -2.30
CA ASN A 60 -1.07 9.84 -1.04
C ASN A 60 0.09 10.75 -0.67
N GLU A 61 1.32 10.30 -0.93
CA GLU A 61 2.49 11.14 -0.67
C GLU A 61 2.46 12.40 -1.52
N ARG A 62 2.13 12.27 -2.81
CA ARG A 62 2.03 13.45 -3.66
C ARG A 62 0.93 14.40 -3.18
N LEU A 63 -0.20 13.85 -2.76
CA LEU A 63 -1.28 14.70 -2.23
C LEU A 63 -0.84 15.41 -0.95
N LEU A 64 0.04 14.78 -0.17
CA LEU A 64 0.60 15.46 0.98
C LEU A 64 1.54 16.59 0.57
N VAL A 65 2.39 16.36 -0.44
CA VAL A 65 3.27 17.40 -0.93
C VAL A 65 2.46 18.57 -1.46
N LYS A 66 1.33 18.28 -2.10
CA LYS A 66 0.52 19.31 -2.74
C LYS A 66 -0.05 20.32 -1.74
N THR A 67 -0.19 19.95 -0.46
CA THR A 67 -0.69 20.89 0.54
C THR A 67 0.31 22.00 0.88
N LEU A 68 1.58 21.84 0.49
CA LEU A 68 2.69 22.76 0.80
C LEU A 68 2.92 22.90 2.31
N ASP A 69 2.27 22.09 3.13
CA ASP A 69 2.42 22.13 4.58
C ASP A 69 3.51 21.14 4.96
N PHE A 70 4.73 21.66 5.14
CA PHE A 70 5.88 20.80 5.43
C PHE A 70 5.70 20.03 6.73
N ASP A 71 4.93 20.56 7.67
CA ASP A 71 4.72 19.85 8.93
C ASP A 71 3.95 18.55 8.73
N ARG A 72 2.95 18.56 7.84
CA ARG A 72 2.20 17.33 7.57
C ARG A 72 3.06 16.31 6.84
N MET A 73 3.82 16.76 5.84
CA MET A 73 4.77 15.88 5.17
C MET A 73 5.75 15.27 6.16
N TRP A 74 6.30 16.10 7.04
CA TRP A 74 7.25 15.64 8.05
C TRP A 74 6.60 14.61 8.96
N TYR A 75 5.38 14.90 9.42
CA TYR A 75 4.65 13.97 10.28
C TYR A 75 4.52 12.61 9.62
N HIS A 76 4.28 12.58 8.30
CA HIS A 76 4.11 11.30 7.61
C HIS A 76 5.28 10.36 7.86
N ILE A 77 6.50 10.89 7.96
CA ILE A 77 7.67 10.07 8.21
C ILE A 77 7.96 9.93 9.69
N TRP A 78 8.09 11.07 10.39
CA TRP A 78 8.67 11.08 11.74
C TRP A 78 7.65 10.95 12.87
N ILE A 79 6.37 11.20 12.61
CA ILE A 79 5.30 11.03 13.61
C ILE A 79 5.63 11.74 14.91
N GLU A 80 5.86 13.06 14.85
CA GLU A 80 6.16 13.87 16.03
C GLU A 80 7.26 13.25 16.90
N THR A 81 8.23 12.62 16.25
CA THR A 81 9.45 12.27 16.96
C THR A 81 10.28 13.54 17.14
N PRO A 82 10.74 13.84 18.35
CA PRO A 82 11.44 15.12 18.58
C PRO A 82 12.81 15.18 17.92
N VAL A 83 12.85 15.69 16.69
CA VAL A 83 14.10 15.84 15.94
C VAL A 83 14.16 17.25 15.37
N TYR A 84 14.01 18.26 16.23
CA TYR A 84 13.82 19.62 15.74
C TYR A 84 15.02 20.11 14.94
N GLU A 85 16.23 19.73 15.33
CA GLU A 85 17.41 20.24 14.63
C GLU A 85 17.38 19.85 13.15
N LEU A 86 17.26 18.55 12.89
CA LEU A 86 17.12 18.07 11.52
C LEU A 86 15.91 18.68 10.84
N TYR A 87 14.78 18.72 11.56
CA TYR A 87 13.56 19.30 10.98
C TYR A 87 13.80 20.73 10.52
N HIS A 88 14.46 21.54 11.35
CA HIS A 88 14.76 22.92 11.00
C HIS A 88 15.60 22.97 9.73
N LYS A 89 16.63 22.13 9.64
CA LYS A 89 17.48 22.16 8.44
C LYS A 89 16.68 21.78 7.19
N LYS A 90 15.90 20.71 7.27
CA LYS A 90 15.15 20.25 6.11
C LYS A 90 14.02 21.21 5.74
N TYR A 91 13.35 21.78 6.75
CA TYR A 91 12.29 22.75 6.50
C TYR A 91 12.87 24.00 5.84
N GLN A 92 14.08 24.40 6.23
CA GLN A 92 14.68 25.59 5.63
C GLN A 92 15.07 25.31 4.19
N LYS A 93 15.55 24.08 3.91
CA LYS A 93 15.83 23.76 2.50
C LYS A 93 14.56 23.71 1.68
N PHE A 94 13.50 23.12 2.24
CA PHE A 94 12.21 23.08 1.55
C PHE A 94 11.69 24.49 1.28
N ARG A 95 11.81 25.38 2.27
CA ARG A 95 11.29 26.74 2.14
C ARG A 95 12.07 27.54 1.11
N LYS A 96 13.39 27.34 1.06
CA LYS A 96 14.20 28.01 0.04
C LYS A 96 13.92 27.44 -1.34
N ASN A 97 13.72 26.13 -1.45
CA ASN A 97 13.53 25.55 -2.78
C ASN A 97 12.14 25.85 -3.34
N TRP A 98 11.11 25.81 -2.52
CA TRP A 98 9.75 25.70 -3.05
C TRP A 98 8.79 26.77 -2.58
N LEU A 99 9.07 27.44 -1.45
CA LEU A 99 8.16 28.45 -0.91
C LEU A 99 8.59 29.88 -1.22
N LEU A 100 9.87 30.21 -1.06
CA LEU A 100 10.31 31.59 -1.23
C LEU A 100 10.35 32.07 -2.68
N PRO A 101 10.74 31.25 -3.67
CA PRO A 101 10.71 31.76 -5.05
C PRO A 101 9.33 32.15 -5.56
N ASP A 102 8.28 31.34 -5.30
CA ASP A 102 6.99 31.63 -5.91
C ASP A 102 5.80 31.17 -5.08
N ASN A 103 5.96 30.96 -3.78
CA ASN A 103 4.90 30.46 -2.90
C ASN A 103 4.35 29.12 -3.38
N GLY A 104 5.23 28.26 -3.91
CA GLY A 104 4.85 26.89 -4.19
C GLY A 104 4.26 26.63 -5.56
N LYS A 105 4.38 27.56 -6.51
CA LYS A 105 3.71 27.38 -7.79
C LYS A 105 4.40 26.32 -8.66
N LYS A 106 5.73 26.39 -8.78
CA LYS A 106 6.44 25.37 -9.54
C LYS A 106 6.31 24.01 -8.88
N LEU A 107 6.40 23.96 -7.54
CA LEU A 107 6.25 22.68 -6.86
C LEU A 107 4.87 22.07 -7.12
N ILE A 108 3.82 22.90 -7.06
CA ILE A 108 2.47 22.39 -7.31
C ILE A 108 2.33 21.91 -8.75
N SER A 109 2.91 22.67 -9.70
CA SER A 109 2.88 22.24 -11.09
C SER A 109 3.59 20.91 -11.27
N LEU A 110 4.77 20.76 -10.66
CA LEU A 110 5.51 19.51 -10.74
C LEU A 110 4.73 18.36 -10.11
N ILE A 111 4.16 18.58 -8.92
CA ILE A 111 3.36 17.54 -8.28
C ILE A 111 2.21 17.12 -9.18
N ASN A 112 1.60 18.09 -9.89
CA ASN A 112 0.44 17.78 -10.73
C ASN A 112 0.83 17.00 -11.97
N GLN A 113 1.93 17.35 -12.63
CA GLN A 113 2.25 16.67 -13.88
C GLN A 113 2.90 15.30 -13.68
N ALA A 114 3.39 14.99 -12.48
CA ALA A 114 3.95 13.67 -12.21
C ALA A 114 2.92 12.58 -12.50
N LYS A 115 3.41 11.46 -13.05
CA LYS A 115 2.55 10.38 -13.50
C LYS A 115 2.95 9.06 -12.86
N GLY A 116 1.96 8.21 -12.61
CA GLY A 116 2.19 6.92 -12.00
C GLY A 116 2.33 6.98 -10.49
N SER A 117 2.84 5.89 -9.93
CA SER A 117 3.04 5.79 -8.48
C SER A 117 4.08 4.72 -8.21
N GLY A 118 4.80 4.88 -7.10
CA GLY A 118 5.77 3.90 -6.68
C GLY A 118 5.14 2.73 -5.93
N THR A 119 6.00 1.82 -5.49
CA THR A 119 5.57 0.63 -4.77
C THR A 119 6.29 0.55 -3.43
N LEU A 120 5.55 0.20 -2.39
CA LEU A 120 6.13 0.02 -1.05
C LEU A 120 6.82 -1.34 -1.00
N LEU A 121 8.11 -1.31 -0.65
CA LEU A 121 8.94 -2.51 -0.71
C LEU A 121 8.62 -3.47 0.44
N TRP A 122 8.66 -4.77 0.12
CA TRP A 122 8.77 -5.79 1.14
C TRP A 122 10.23 -6.07 1.43
N GLU A 123 10.57 -6.17 2.71
CA GLU A 123 11.96 -6.26 3.12
C GLU A 123 12.11 -7.24 4.27
N ILE A 124 13.35 -7.71 4.44
CA ILE A 124 13.76 -8.39 5.67
C ILE A 124 14.19 -7.31 6.65
N PRO A 125 13.70 -7.34 7.89
CA PRO A 125 14.11 -6.31 8.87
C PRO A 125 15.61 -6.28 9.06
N LYS A 126 16.15 -5.07 9.14
CA LYS A 126 17.58 -4.88 9.28
C LYS A 126 17.83 -3.44 9.67
N GLY A 127 19.00 -3.18 10.24
CA GLY A 127 19.38 -1.82 10.58
C GLY A 127 20.87 -1.72 10.80
N LYS A 128 21.31 -0.52 11.13
CA LYS A 128 22.73 -0.26 11.29
C LYS A 128 23.19 -0.66 12.69
N PRO A 129 24.34 -1.30 12.81
CA PRO A 129 24.85 -1.66 14.14
C PRO A 129 25.25 -0.44 14.95
N LYS A 130 25.12 -0.57 16.27
CA LYS A 130 25.57 0.48 17.17
C LYS A 130 27.10 0.38 17.33
N GLU A 131 27.66 1.31 18.10
CA GLU A 131 29.11 1.35 18.29
C GLU A 131 29.52 0.22 19.25
N ASP A 132 30.56 -0.53 18.85
CA ASP A 132 30.96 -1.77 19.52
C ASP A 132 29.77 -2.69 19.78
N GLU A 133 28.93 -2.86 18.76
CA GLU A 133 27.89 -3.88 18.75
C GLU A 133 28.27 -4.98 17.78
N SER A 134 28.07 -6.23 18.20
CA SER A 134 28.34 -7.34 17.30
C SER A 134 27.23 -7.48 16.26
N ASP A 135 27.52 -8.24 15.21
CA ASP A 135 26.57 -8.36 14.11
C ASP A 135 25.30 -9.06 14.57
N LEU A 136 25.44 -10.19 15.27
CA LEU A 136 24.28 -10.93 15.73
C LEU A 136 23.45 -10.10 16.71
N THR A 137 24.12 -9.40 17.63
CA THR A 137 23.41 -8.56 18.59
C THR A 137 22.61 -7.47 17.87
N CYS A 138 23.19 -6.87 16.82
CA CYS A 138 22.48 -5.86 16.06
C CYS A 138 21.27 -6.47 15.36
N ALA A 139 21.46 -7.62 14.70
CA ALA A 139 20.33 -8.28 14.05
C ALA A 139 19.20 -8.56 15.03
N ILE A 140 19.54 -9.06 16.22
CA ILE A 140 18.52 -9.42 17.21
C ILE A 140 17.78 -8.17 17.69
N ARG A 141 18.54 -7.13 18.04
CA ARG A 141 17.94 -5.89 18.52
C ARG A 141 17.04 -5.25 17.46
N GLU A 142 17.53 -5.17 16.23
CA GLU A 142 16.75 -4.56 15.15
C GLU A 142 15.49 -5.35 14.84
N PHE A 143 15.61 -6.68 14.80
CA PHE A 143 14.44 -7.53 14.60
C PHE A 143 13.39 -7.28 15.66
N GLU A 144 13.79 -7.28 16.94
CA GLU A 144 12.82 -7.06 18.01
C GLU A 144 12.22 -5.65 17.92
N GLU A 145 13.06 -4.64 17.64
CA GLU A 145 12.58 -3.28 17.53
C GLU A 145 11.51 -3.15 16.45
N GLU A 146 11.73 -3.77 15.30
CA GLU A 146 10.82 -3.56 14.18
C GLU A 146 9.57 -4.43 14.30
N THR A 147 9.73 -5.71 14.67
CA THR A 147 8.60 -6.63 14.65
C THR A 147 7.99 -6.89 16.01
N GLY A 148 8.68 -6.53 17.10
CA GLY A 148 8.19 -6.83 18.43
C GLY A 148 8.31 -8.28 18.84
N ILE A 149 8.96 -9.11 18.03
CA ILE A 149 9.16 -10.52 18.36
C ILE A 149 10.43 -10.65 19.20
N THR A 150 10.29 -11.17 20.41
CA THR A 150 11.41 -11.29 21.32
C THR A 150 12.14 -12.62 21.12
N ARG A 151 13.28 -12.75 21.81
CA ARG A 151 14.12 -13.93 21.62
C ARG A 151 13.45 -15.21 22.09
N GLU A 152 12.50 -15.11 23.03
CA GLU A 152 11.72 -16.27 23.44
C GLU A 152 11.18 -17.06 22.26
N TYR A 153 10.84 -16.38 21.17
CA TYR A 153 10.07 -17.00 20.10
C TYR A 153 10.92 -17.73 19.07
N TYR A 154 12.25 -17.62 19.12
CA TYR A 154 13.05 -18.21 18.04
C TYR A 154 14.39 -18.67 18.55
N GLN A 155 14.95 -19.61 17.79
CA GLN A 155 16.28 -20.18 17.99
C GLN A 155 17.18 -19.71 16.86
N ILE A 156 18.30 -19.08 17.22
CA ILE A 156 19.29 -18.70 16.21
C ILE A 156 19.96 -19.96 15.67
N LEU A 157 20.15 -20.00 14.35
CA LEU A 157 20.92 -21.06 13.72
C LEU A 157 22.28 -20.49 13.37
N PRO A 158 23.30 -20.64 14.21
CA PRO A 158 24.48 -19.76 14.11
C PRO A 158 25.32 -19.96 12.87
N GLU A 159 25.10 -21.03 12.14
CA GLU A 159 26.05 -21.42 11.10
C GLU A 159 25.63 -20.86 9.72
N PHE A 160 24.52 -20.14 9.67
CA PHE A 160 24.08 -19.39 8.50
C PHE A 160 24.46 -17.93 8.68
N LYS A 161 25.14 -17.39 7.66
CA LYS A 161 25.38 -15.96 7.54
C LYS A 161 25.41 -15.65 6.06
N LYS A 162 24.60 -14.70 5.63
CA LYS A 162 24.48 -14.37 4.21
C LYS A 162 24.81 -12.90 4.01
N SER A 163 25.74 -12.60 3.11
CA SER A 163 26.12 -11.22 2.80
C SER A 163 25.78 -10.86 1.37
N MET A 164 25.29 -9.63 1.18
CA MET A 164 24.89 -9.11 -0.11
C MET A 164 25.52 -7.74 -0.30
N SER A 165 25.97 -7.45 -1.53
CA SER A 165 26.62 -6.18 -1.83
C SER A 165 25.94 -5.51 -3.01
N TYR A 166 25.59 -4.23 -2.85
CA TYR A 166 25.05 -3.40 -3.92
C TYR A 166 25.82 -2.10 -4.02
N PHE A 167 25.84 -1.52 -5.22
CA PHE A 167 26.47 -0.23 -5.49
C PHE A 167 25.47 0.71 -6.17
N ASP A 168 25.36 1.93 -5.65
CA ASP A 168 24.59 2.99 -6.31
C ASP A 168 25.46 3.96 -7.09
N GLY A 169 26.79 3.91 -6.93
CA GLY A 169 27.70 4.77 -7.66
C GLY A 169 28.90 5.20 -6.84
N LYS A 170 28.60 5.76 -5.66
CA LYS A 170 29.57 5.98 -4.59
C LYS A 170 29.11 5.43 -3.25
N THR A 171 27.87 5.00 -3.14
CA THR A 171 27.33 4.40 -1.93
C THR A 171 27.41 2.88 -2.08
N GLU A 172 28.10 2.25 -1.14
CA GLU A 172 28.17 0.80 -1.05
C GLU A 172 27.23 0.29 0.04
N TYR A 173 26.34 -0.62 -0.34
CA TYR A 173 25.42 -1.25 0.61
C TYR A 173 25.91 -2.68 0.85
N LYS A 174 26.18 -3.01 2.11
CA LYS A 174 26.41 -4.38 2.52
C LYS A 174 25.30 -4.78 3.49
N HIS A 175 24.65 -5.89 3.19
CA HIS A 175 23.56 -6.41 4.01
C HIS A 175 23.96 -7.79 4.52
N ILE A 176 23.88 -7.98 5.84
CA ILE A 176 24.26 -9.22 6.49
C ILE A 176 23.05 -9.80 7.19
N TYR A 177 22.75 -11.06 6.90
CA TYR A 177 21.55 -11.72 7.42
C TYR A 177 21.95 -12.97 8.20
N PHE A 178 21.46 -13.05 9.43
CA PHE A 178 21.49 -14.27 10.20
C PHE A 178 20.16 -15.01 10.02
N LEU A 179 20.09 -16.23 10.53
CA LEU A 179 18.92 -17.09 10.34
C LEU A 179 18.42 -17.56 11.70
N ALA A 180 17.09 -17.50 11.88
CA ALA A 180 16.44 -17.97 13.09
C ALA A 180 15.22 -18.80 12.73
N MET A 181 14.94 -19.80 13.56
CA MET A 181 13.80 -20.68 13.38
C MET A 181 12.84 -20.53 14.56
N LEU A 182 11.56 -20.35 14.26
CA LEU A 182 10.55 -20.15 15.29
C LEU A 182 10.53 -21.32 16.28
N CYS A 183 10.63 -21.00 17.57
CA CYS A 183 10.59 -22.02 18.61
C CYS A 183 9.40 -21.81 19.55
N LYS A 184 8.37 -21.11 19.07
CA LYS A 184 7.12 -20.89 19.77
C LYS A 184 6.13 -20.30 18.76
N SER A 185 4.89 -20.75 18.83
CA SER A 185 3.92 -20.42 17.79
C SER A 185 3.65 -18.91 17.72
N LEU A 186 3.47 -18.40 16.50
CA LEU A 186 3.15 -16.99 16.26
C LEU A 186 2.39 -16.89 14.93
N GLU A 187 1.07 -17.06 14.99
CA GLU A 187 0.26 -17.08 13.76
C GLU A 187 0.07 -15.72 13.12
N GLU A 188 -0.04 -14.66 13.92
CA GLU A 188 -0.44 -13.36 13.40
C GLU A 188 0.60 -12.32 13.81
N PRO A 189 1.76 -12.31 13.13
CA PRO A 189 2.78 -11.30 13.46
C PRO A 189 2.32 -9.88 13.23
N ASN A 190 1.40 -9.67 12.29
CA ASN A 190 0.91 -8.31 12.01
C ASN A 190 0.24 -7.67 13.20
N MET A 191 -0.28 -8.47 14.15
CA MET A 191 -0.90 -7.90 15.33
C MET A 191 0.11 -7.22 16.25
N ASN A 192 1.40 -7.41 16.01
CA ASN A 192 2.40 -6.65 16.77
C ASN A 192 2.50 -5.22 16.30
N LEU A 193 1.84 -4.85 15.21
CA LEU A 193 1.85 -3.48 14.70
C LEU A 193 0.78 -2.68 15.44
N SER A 194 1.22 -1.80 16.34
CA SER A 194 0.33 -0.91 17.06
C SER A 194 1.00 0.43 17.22
N LEU A 195 0.18 1.48 17.28
CA LEU A 195 0.72 2.83 17.41
C LEU A 195 1.32 3.09 18.79
N GLN A 196 1.10 2.20 19.75
CA GLN A 196 1.75 2.31 21.05
C GLN A 196 3.21 1.90 21.01
N TYR A 197 3.65 1.27 19.92
CA TYR A 197 5.04 0.87 19.72
C TYR A 197 5.59 1.72 18.56
N GLU A 198 6.14 2.89 18.91
CA GLU A 198 6.60 3.83 17.90
C GLU A 198 7.67 3.24 16.97
N ASN A 199 8.52 2.35 17.49
CA ASN A 199 9.62 1.83 16.69
C ASN A 199 9.16 0.81 15.66
N ARG A 200 8.02 0.16 15.90
CA ARG A 200 7.49 -0.79 14.93
C ARG A 200 6.80 -0.06 13.77
N ILE A 201 5.97 0.94 14.07
CA ILE A 201 5.25 1.66 13.02
C ILE A 201 6.10 2.72 12.31
N ALA A 202 7.29 3.03 12.83
CA ALA A 202 8.10 4.12 12.27
C ALA A 202 8.27 3.96 10.76
N GLU A 203 8.61 2.76 10.31
CA GLU A 203 8.85 2.51 8.89
C GLU A 203 8.10 1.29 8.36
N ILE A 204 7.11 0.77 9.09
CA ILE A 204 6.45 -0.47 8.72
C ILE A 204 4.95 -0.26 8.66
N SER A 205 4.33 -0.76 7.59
CA SER A 205 2.89 -0.75 7.42
C SER A 205 2.26 -2.12 7.54
N LYS A 206 3.06 -3.20 7.51
CA LYS A 206 2.54 -4.56 7.55
C LYS A 206 3.66 -5.52 7.87
N ILE A 207 3.36 -6.53 8.69
CA ILE A 207 4.24 -7.67 8.96
C ILE A 207 3.49 -8.95 8.56
N SER A 208 4.16 -9.84 7.82
CA SER A 208 3.48 -11.02 7.32
C SER A 208 4.43 -12.19 7.16
N TRP A 209 3.89 -13.40 7.37
CA TRP A 209 4.57 -14.61 6.95
C TRP A 209 4.48 -14.74 5.44
N GLN A 210 5.59 -15.11 4.80
CA GLN A 210 5.63 -15.25 3.35
C GLN A 210 6.34 -16.54 2.99
N ASN A 211 5.66 -17.40 2.23
CA ASN A 211 6.30 -18.61 1.72
C ASN A 211 7.10 -18.29 0.46
N MET A 212 7.76 -19.31 -0.08
CA MET A 212 8.68 -19.08 -1.20
C MET A 212 7.94 -18.64 -2.47
N GLU A 213 6.74 -19.18 -2.69
CA GLU A 213 5.93 -18.71 -3.82
C GLU A 213 5.65 -17.22 -3.69
N ALA A 214 5.24 -16.79 -2.50
CA ALA A 214 5.00 -15.36 -2.26
C ALA A 214 6.28 -14.55 -2.41
N VAL A 215 7.40 -15.09 -1.91
CA VAL A 215 8.66 -14.37 -2.02
C VAL A 215 9.00 -14.12 -3.49
N ARG A 216 8.82 -15.14 -4.33
CA ARG A 216 9.11 -14.97 -5.75
C ARG A 216 8.13 -14.02 -6.41
N PHE A 217 6.83 -14.14 -6.08
CA PHE A 217 5.83 -13.23 -6.62
C PHE A 217 6.18 -11.78 -6.31
N ILE A 218 6.49 -11.49 -5.05
CA ILE A 218 6.87 -10.13 -4.65
C ILE A 218 8.15 -9.70 -5.33
N SER A 219 9.17 -10.57 -5.33
CA SER A 219 10.48 -10.20 -5.88
C SER A 219 10.38 -9.81 -7.34
N LYS A 220 9.54 -10.51 -8.11
CA LYS A 220 9.41 -10.15 -9.52
C LYS A 220 8.56 -8.91 -9.75
N ARG A 221 8.08 -8.25 -8.68
CA ARG A 221 7.25 -7.07 -8.82
C ARG A 221 7.81 -5.85 -8.10
N GLN A 222 9.08 -5.89 -7.70
CA GLN A 222 9.69 -4.76 -7.03
C GLN A 222 11.19 -4.77 -7.34
N SER A 223 11.84 -3.64 -7.03
CA SER A 223 13.25 -3.47 -7.33
C SER A 223 14.14 -4.31 -6.43
N PHE A 224 13.63 -4.71 -5.27
CA PHE A 224 14.37 -5.46 -4.27
C PHE A 224 14.11 -6.95 -4.51
N ASN A 225 15.14 -7.70 -4.91
CA ASN A 225 15.03 -9.13 -5.16
C ASN A 225 15.33 -9.90 -3.88
N LEU A 226 14.29 -10.53 -3.31
CA LEU A 226 14.45 -11.25 -2.05
C LEU A 226 14.84 -12.71 -2.24
N GLU A 227 14.72 -13.25 -3.44
CA GLU A 227 14.91 -14.69 -3.61
C GLU A 227 16.37 -15.12 -3.41
N PRO A 228 17.38 -14.34 -3.81
CA PRO A 228 18.76 -14.74 -3.49
C PRO A 228 19.06 -14.81 -2.00
N MET A 229 18.24 -14.20 -1.15
CA MET A 229 18.41 -14.34 0.29
C MET A 229 17.56 -15.48 0.86
N ILE A 230 16.26 -15.48 0.54
CA ILE A 230 15.35 -16.45 1.15
C ILE A 230 15.58 -17.86 0.61
N GLY A 231 15.99 -17.99 -0.64
CA GLY A 231 16.29 -19.28 -1.22
C GLY A 231 17.31 -20.09 -0.43
N PRO A 232 18.52 -19.55 -0.28
CA PRO A 232 19.51 -20.24 0.56
C PRO A 232 19.07 -20.41 2.00
N ALA A 233 18.34 -19.43 2.55
CA ALA A 233 17.86 -19.55 3.92
C ALA A 233 16.92 -20.74 4.05
N PHE A 234 15.96 -20.85 3.14
CA PHE A 234 15.01 -21.97 3.21
C PHE A 234 15.71 -23.29 2.94
N ASN A 235 16.71 -23.29 2.06
CA ASN A 235 17.53 -24.49 1.85
C ASN A 235 18.18 -24.94 3.17
N PHE A 236 18.79 -24.00 3.90
CA PHE A 236 19.38 -24.30 5.19
C PHE A 236 18.34 -24.84 6.17
N ILE A 237 17.15 -24.22 6.21
CA ILE A 237 16.09 -24.68 7.11
C ILE A 237 15.68 -26.12 6.77
N LYS A 238 15.53 -26.40 5.48
CA LYS A 238 15.22 -27.73 4.97
C LYS A 238 16.29 -28.76 5.38
N ASN A 239 17.57 -28.40 5.25
CA ASN A 239 18.65 -29.31 5.67
C ASN A 239 18.60 -29.54 7.17
N TYR A 240 18.36 -28.48 7.94
CA TYR A 240 18.24 -28.58 9.40
C TYR A 240 17.06 -29.47 9.81
N LEU A 241 15.93 -29.31 9.13
CA LEU A 241 14.72 -30.04 9.52
C LEU A 241 14.80 -31.52 9.16
N ARG A 242 15.36 -31.85 7.98
CA ARG A 242 15.39 -33.28 7.65
C ARG A 242 16.37 -34.05 8.53
N TYR A 243 17.15 -33.37 9.38
CA TYR A 243 17.98 -34.05 10.35
C TYR A 243 17.55 -33.78 11.80
N GLN B 1 -32.83 -2.34 0.17
CA GLN B 1 -31.93 -1.45 -0.55
C GLN B 1 -31.11 -2.21 -1.60
N LEU B 2 -31.11 -1.72 -2.84
CA LEU B 2 -30.41 -2.37 -3.94
C LEU B 2 -29.45 -1.37 -4.59
N LYS B 3 -28.18 -1.75 -4.71
CA LYS B 3 -27.17 -0.92 -5.35
C LYS B 3 -26.54 -1.69 -6.50
N THR B 4 -26.69 -1.19 -7.72
CA THR B 4 -26.21 -1.87 -8.93
C THR B 4 -25.05 -1.08 -9.53
N SER B 5 -23.92 -1.77 -9.72
CA SER B 5 -22.75 -1.20 -10.38
C SER B 5 -22.40 -2.00 -11.63
N ILE B 6 -21.86 -1.31 -12.63
CA ILE B 6 -21.45 -1.95 -13.89
C ILE B 6 -20.00 -1.61 -14.17
N GLY B 7 -19.22 -2.62 -14.59
CA GLY B 7 -17.80 -2.46 -14.78
C GLY B 7 -17.34 -3.12 -16.07
N LEU B 8 -16.08 -2.84 -16.42
CA LEU B 8 -15.49 -3.34 -17.67
C LEU B 8 -14.21 -4.08 -17.35
N ILE B 9 -14.12 -5.33 -17.80
CA ILE B 9 -12.92 -6.14 -17.66
C ILE B 9 -12.14 -5.97 -18.96
N THR B 10 -11.10 -5.13 -18.94
CA THR B 10 -10.31 -4.80 -20.11
C THR B 10 -9.03 -5.62 -20.10
N CYS B 11 -8.82 -6.39 -21.17
CA CYS B 11 -7.75 -7.37 -21.21
C CYS B 11 -6.80 -7.16 -22.37
N ARG B 12 -5.61 -7.73 -22.21
CA ARG B 12 -4.49 -7.61 -23.13
C ARG B 12 -3.86 -8.99 -23.18
N MET B 13 -3.40 -9.38 -24.36
CA MET B 13 -2.42 -10.46 -24.47
C MET B 13 -1.06 -9.78 -24.45
N ASN B 14 -0.34 -9.96 -23.37
CA ASN B 14 0.99 -9.41 -23.28
C ASN B 14 1.84 -10.19 -24.27
N THR B 15 2.33 -9.50 -25.32
CA THR B 15 3.04 -10.17 -26.41
C THR B 15 4.39 -10.74 -25.98
N GLN B 16 4.84 -10.42 -24.78
CA GLN B 16 6.14 -10.86 -24.27
C GLN B 16 6.06 -12.17 -23.48
N ASN B 17 4.95 -12.43 -22.76
CA ASN B 17 4.84 -13.67 -21.96
C ASN B 17 3.97 -14.71 -22.64
N ASN B 18 3.13 -14.26 -23.58
CA ASN B 18 1.95 -14.94 -24.08
C ASN B 18 1.04 -15.38 -22.93
N GLN B 19 0.73 -14.42 -22.04
CA GLN B 19 -0.29 -14.55 -21.01
C GLN B 19 -1.33 -13.45 -21.16
N ILE B 20 -2.55 -13.75 -20.69
CA ILE B 20 -3.65 -12.79 -20.70
C ILE B 20 -3.59 -12.01 -19.41
N GLU B 21 -3.80 -10.70 -19.49
CA GLU B 21 -3.75 -9.79 -18.37
C GLU B 21 -4.97 -8.88 -18.42
N THR B 22 -5.40 -8.41 -17.24
CA THR B 22 -6.53 -7.51 -17.11
C THR B 22 -6.13 -6.25 -16.36
N ILE B 23 -6.89 -5.17 -16.61
CA ILE B 23 -6.68 -3.91 -15.88
C ILE B 23 -7.37 -4.00 -14.53
N LEU B 24 -6.59 -3.86 -13.45
CA LEU B 24 -7.12 -3.76 -12.10
C LEU B 24 -6.65 -2.46 -11.47
N VAL B 25 -7.44 -1.94 -10.54
CA VAL B 25 -7.09 -0.72 -9.80
C VAL B 25 -7.05 -1.04 -8.31
N GLN B 26 -6.05 -0.48 -7.64
CA GLN B 26 -5.91 -0.61 -6.20
C GLN B 26 -6.47 0.64 -5.54
N LYS B 27 -7.22 0.44 -4.46
CA LYS B 27 -7.84 1.57 -3.76
C LYS B 27 -6.77 2.43 -3.09
N ARG B 28 -7.14 3.67 -2.83
CA ARG B 28 -6.23 4.60 -2.16
C ARG B 28 -6.38 4.55 -0.64
N TYR B 29 -7.58 4.26 -0.16
CA TYR B 29 -7.83 4.17 1.28
C TYR B 29 -8.71 2.98 1.57
N SER B 30 -8.73 2.56 2.83
CA SER B 30 -9.49 1.39 3.24
C SER B 30 -10.95 1.76 3.46
N LEU B 31 -11.81 0.72 3.36
CA LEU B 31 -13.21 0.91 3.71
C LEU B 31 -13.37 1.27 5.17
N ALA B 32 -12.53 0.72 6.04
CA ALA B 32 -12.64 0.99 7.47
C ALA B 32 -12.44 2.48 7.77
N PHE B 33 -11.39 3.07 7.18
CA PHE B 33 -11.15 4.50 7.36
C PHE B 33 -12.36 5.32 6.93
N SER B 34 -12.89 5.00 5.75
CA SER B 34 -14.08 5.68 5.25
C SER B 34 -15.27 5.52 6.20
N GLU B 35 -15.52 4.28 6.67
CA GLU B 35 -16.69 4.06 7.53
C GLU B 35 -16.54 4.88 8.81
N PHE B 36 -15.31 4.97 9.33
CA PHE B 36 -15.08 5.75 10.56
C PHE B 36 -15.32 7.24 10.29
N ILE B 37 -14.75 7.75 9.20
CA ILE B 37 -14.83 9.18 8.91
C ILE B 37 -16.27 9.60 8.66
N HIS B 38 -17.05 8.72 8.03
CA HIS B 38 -18.44 9.02 7.72
C HIS B 38 -19.40 8.55 8.81
N CYS B 39 -18.88 8.20 9.98
CA CYS B 39 -19.69 7.84 11.15
C CYS B 39 -20.70 6.74 10.83
N HIS B 40 -20.21 5.67 10.21
CA HIS B 40 -20.97 4.45 10.02
C HIS B 40 -20.60 3.41 11.07
N TYR B 41 -20.68 3.81 12.33
CA TYR B 41 -20.34 2.95 13.45
C TYR B 41 -21.23 3.34 14.62
N SER B 42 -21.25 2.47 15.62
CA SER B 42 -22.03 2.70 16.83
C SER B 42 -21.08 3.03 17.96
N ILE B 43 -21.19 4.25 18.49
CA ILE B 43 -20.39 4.59 19.66
C ILE B 43 -20.82 3.74 20.85
N ASN B 44 -22.09 3.29 20.86
CA ASN B 44 -22.57 2.42 21.92
C ASN B 44 -22.23 0.95 21.70
N ALA B 45 -21.75 0.55 20.52
CA ALA B 45 -21.14 -0.77 20.42
C ALA B 45 -19.82 -0.65 21.18
N ASN B 46 -19.65 -1.45 22.23
CA ASN B 46 -18.44 -1.30 23.02
C ASN B 46 -17.25 -2.01 22.38
N GLN B 47 -16.10 -1.86 23.05
CA GLN B 47 -14.84 -1.53 22.41
C GLN B 47 -14.45 -2.45 21.27
N GLY B 48 -14.37 -3.77 21.53
CA GLY B 48 -13.83 -4.68 20.52
C GLY B 48 -14.43 -4.53 19.12
N HIS B 49 -15.71 -4.10 19.03
CA HIS B 49 -16.35 -4.03 17.71
C HIS B 49 -15.99 -2.77 16.96
N LEU B 50 -15.61 -1.70 17.66
CA LEU B 50 -14.99 -0.56 17.02
C LEU B 50 -13.49 -0.78 16.85
N ILE B 51 -12.94 -1.67 17.69
CA ILE B 51 -11.55 -2.03 17.63
C ILE B 51 -11.25 -2.79 16.36
N LYS B 52 -12.18 -3.59 15.84
CA LYS B 52 -11.86 -4.28 14.59
C LYS B 52 -11.73 -3.28 13.47
N MET B 53 -12.66 -2.32 13.45
CA MET B 53 -12.63 -1.28 12.43
C MET B 53 -11.31 -0.55 12.47
N PHE B 54 -10.87 -0.19 13.67
CA PHE B 54 -9.56 0.45 13.75
C PHE B 54 -8.46 -0.52 13.31
N ASN B 55 -8.63 -1.82 13.59
CA ASN B 55 -7.66 -2.82 13.18
C ASN B 55 -7.58 -2.95 11.67
N ASN B 56 -8.67 -2.68 10.97
CA ASN B 56 -8.73 -2.86 9.52
C ASN B 56 -8.37 -1.59 8.77
N MET B 57 -7.96 -0.54 9.47
CA MET B 57 -7.33 0.59 8.81
C MET B 57 -5.85 0.32 8.54
N THR B 58 -5.27 1.13 7.66
CA THR B 58 -3.82 1.10 7.49
C THR B 58 -3.17 1.85 8.64
N ILE B 59 -1.85 1.63 8.78
CA ILE B 59 -1.11 2.32 9.82
C ILE B 59 -1.14 3.83 9.60
N ASN B 60 -0.98 4.27 8.35
CA ASN B 60 -0.99 5.70 8.06
C ASN B 60 -2.34 6.32 8.38
N GLU B 61 -3.42 5.61 8.10
CA GLU B 61 -4.75 6.11 8.45
C GLU B 61 -4.89 6.25 9.97
N ARG B 62 -4.42 5.25 10.73
CA ARG B 62 -4.48 5.36 12.19
C ARG B 62 -3.64 6.53 12.69
N LEU B 63 -2.46 6.74 12.10
CA LEU B 63 -1.63 7.87 12.49
C LEU B 63 -2.31 9.20 12.15
N LEU B 64 -3.14 9.22 11.11
CA LEU B 64 -3.92 10.41 10.81
C LEU B 64 -5.01 10.63 11.85
N VAL B 65 -5.70 9.55 12.24
CA VAL B 65 -6.73 9.65 13.27
C VAL B 65 -6.13 10.12 14.59
N LYS B 66 -4.90 9.69 14.89
CA LYS B 66 -4.27 10.05 16.15
C LYS B 66 -4.01 11.55 16.27
N THR B 67 -3.95 12.27 15.14
CA THR B 67 -3.77 13.71 15.18
C THR B 67 -4.98 14.45 15.72
N LEU B 68 -6.14 13.81 15.80
CA LEU B 68 -7.40 14.42 16.22
C LEU B 68 -7.83 15.57 15.31
N ASP B 69 -7.13 15.78 14.20
CA ASP B 69 -7.43 16.85 13.25
C ASP B 69 -8.36 16.28 12.18
N PHE B 70 -9.67 16.48 12.35
CA PHE B 70 -10.63 15.93 11.40
C PHE B 70 -10.45 16.50 9.99
N ASP B 71 -9.90 17.71 9.88
CA ASP B 71 -9.72 18.28 8.54
C ASP B 71 -8.70 17.48 7.74
N ARG B 72 -7.61 17.03 8.38
CA ARG B 72 -6.61 16.23 7.68
C ARG B 72 -7.15 14.85 7.31
N MET B 73 -7.88 14.21 8.24
CA MET B 73 -8.56 12.96 7.94
C MET B 73 -9.51 13.11 6.74
N TRP B 74 -10.32 14.16 6.74
CA TRP B 74 -11.24 14.40 5.64
C TRP B 74 -10.48 14.59 4.32
N TYR B 75 -9.44 15.43 4.32
CA TYR B 75 -8.65 15.63 3.12
C TYR B 75 -8.09 14.32 2.58
N HIS B 76 -7.71 13.40 3.46
CA HIS B 76 -7.16 12.13 3.00
C HIS B 76 -8.12 11.42 2.03
N ILE B 77 -9.42 11.52 2.27
CA ILE B 77 -10.41 10.89 1.40
C ILE B 77 -10.83 11.82 0.28
N TRP B 78 -11.27 13.03 0.62
CA TRP B 78 -11.98 13.89 -0.33
C TRP B 78 -11.09 14.84 -1.13
N ILE B 79 -9.86 15.11 -0.68
CA ILE B 79 -8.91 15.92 -1.44
C ILE B 79 -9.52 17.26 -1.89
N GLU B 80 -9.98 18.05 -0.94
CA GLU B 80 -10.59 19.37 -1.23
C GLU B 80 -11.68 19.28 -2.30
N THR B 81 -12.43 18.18 -2.29
CA THR B 81 -13.67 18.10 -3.08
C THR B 81 -14.76 18.91 -2.38
N PRO B 82 -15.48 19.77 -3.10
CA PRO B 82 -16.47 20.62 -2.42
C PRO B 82 -17.70 19.86 -1.93
N VAL B 83 -17.65 19.36 -0.70
CA VAL B 83 -18.78 18.68 -0.08
C VAL B 83 -18.97 19.24 1.33
N TYR B 84 -19.11 20.56 1.43
CA TYR B 84 -19.03 21.19 2.75
C TYR B 84 -20.13 20.72 3.70
N GLU B 85 -21.37 20.58 3.21
CA GLU B 85 -22.47 20.19 4.09
C GLU B 85 -22.22 18.80 4.70
N LEU B 86 -21.91 17.83 3.83
CA LEU B 86 -21.54 16.50 4.30
C LEU B 86 -20.38 16.57 5.28
N TYR B 87 -19.35 17.35 4.94
CA TYR B 87 -18.19 17.48 5.81
C TYR B 87 -18.59 18.01 7.18
N HIS B 88 -19.40 19.07 7.22
CA HIS B 88 -19.85 19.66 8.47
C HIS B 88 -20.61 18.65 9.33
N LYS B 89 -21.53 17.90 8.71
CA LYS B 89 -22.30 16.94 9.51
C LYS B 89 -21.39 15.86 10.08
N LYS B 90 -20.49 15.32 9.27
CA LYS B 90 -19.60 14.26 9.74
C LYS B 90 -18.61 14.79 10.77
N TYR B 91 -18.14 16.02 10.58
CA TYR B 91 -17.23 16.63 11.55
C TYR B 91 -17.90 16.83 12.90
N GLN B 92 -19.16 17.28 12.91
CA GLN B 92 -19.84 17.45 14.18
C GLN B 92 -20.11 16.11 14.85
N LYS B 93 -20.41 15.08 14.06
CA LYS B 93 -20.56 13.75 14.66
C LYS B 93 -19.24 13.25 15.24
N PHE B 94 -18.12 13.50 14.54
CA PHE B 94 -16.82 13.08 15.05
C PHE B 94 -16.50 13.75 16.37
N ARG B 95 -16.68 15.08 16.46
CA ARG B 95 -16.31 15.74 17.70
C ARG B 95 -17.29 15.42 18.83
N LYS B 96 -18.56 15.16 18.51
CA LYS B 96 -19.49 14.72 19.55
C LYS B 96 -19.09 13.34 20.07
N ASN B 97 -18.61 12.46 19.18
CA ASN B 97 -18.24 11.11 19.60
C ASN B 97 -16.93 11.11 20.37
N TRP B 98 -15.95 11.93 19.96
CA TRP B 98 -14.57 11.74 20.38
C TRP B 98 -13.91 12.96 21.02
N LEU B 99 -14.40 14.17 20.76
CA LEU B 99 -13.74 15.36 21.31
C LEU B 99 -14.45 15.94 22.54
N LEU B 100 -15.77 16.03 22.52
CA LEU B 100 -16.45 16.67 23.64
C LEU B 100 -16.48 15.79 24.90
N PRO B 101 -16.62 14.46 24.80
CA PRO B 101 -16.57 13.65 26.02
C PRO B 101 -15.26 13.76 26.78
N ASP B 102 -14.10 13.73 26.09
CA ASP B 102 -12.84 13.72 26.82
C ASP B 102 -11.67 14.34 26.04
N ASN B 103 -11.94 15.14 25.01
CA ASN B 103 -10.91 15.74 24.17
C ASN B 103 -9.99 14.68 23.57
N GLY B 104 -10.58 13.56 23.16
CA GLY B 104 -9.88 12.58 22.36
C GLY B 104 -9.13 11.51 23.12
N LYS B 105 -9.35 11.37 24.42
CA LYS B 105 -8.54 10.44 25.22
C LYS B 105 -8.92 8.99 24.93
N LYS B 106 -10.21 8.69 24.91
CA LYS B 106 -10.65 7.33 24.58
C LYS B 106 -10.30 6.99 23.12
N LEU B 107 -10.47 7.94 22.21
CA LEU B 107 -10.13 7.68 20.81
C LEU B 107 -8.65 7.37 20.67
N ILE B 108 -7.80 8.16 21.32
CA ILE B 108 -6.36 7.94 21.24
C ILE B 108 -5.99 6.59 21.87
N SER B 109 -6.64 6.24 22.98
CA SER B 109 -6.38 4.94 23.60
C SER B 109 -6.75 3.80 22.65
N LEU B 110 -7.93 3.88 22.04
CA LEU B 110 -8.35 2.86 21.08
C LEU B 110 -7.41 2.80 19.88
N ILE B 111 -7.03 3.97 19.35
CA ILE B 111 -6.10 4.03 18.22
C ILE B 111 -4.77 3.38 18.58
N ASN B 112 -4.29 3.62 19.80
CA ASN B 112 -3.00 3.09 20.20
C ASN B 112 -3.07 1.58 20.40
N GLN B 113 -4.14 1.08 21.02
CA GLN B 113 -4.23 -0.35 21.27
C GLN B 113 -4.65 -1.14 20.05
N ALA B 114 -5.11 -0.48 18.99
CA ALA B 114 -5.42 -1.17 17.74
C ALA B 114 -4.22 -1.94 17.23
N LYS B 115 -4.48 -3.13 16.68
CA LYS B 115 -3.42 -4.05 16.27
C LYS B 115 -3.58 -4.44 14.81
N GLY B 116 -2.45 -4.61 14.13
CA GLY B 116 -2.48 -5.02 12.75
C GLY B 116 -2.79 -3.86 11.82
N SER B 117 -3.15 -4.20 10.59
CA SER B 117 -3.46 -3.18 9.60
C SER B 117 -4.33 -3.81 8.52
N GLY B 118 -5.13 -2.97 7.88
CA GLY B 118 -5.96 -3.41 6.78
C GLY B 118 -5.17 -3.52 5.48
N THR B 119 -5.89 -3.86 4.42
CA THR B 119 -5.31 -4.00 3.10
C THR B 119 -6.09 -3.18 2.10
N LEU B 120 -5.38 -2.51 1.19
CA LEU B 120 -6.01 -1.75 0.13
C LEU B 120 -6.45 -2.73 -0.96
N LEU B 121 -7.73 -2.70 -1.30
CA LEU B 121 -8.32 -3.67 -2.21
C LEU B 121 -7.91 -3.44 -3.65
N TRP B 122 -7.67 -4.54 -4.38
CA TRP B 122 -7.64 -4.51 -5.84
C TRP B 122 -9.02 -4.82 -6.38
N GLU B 123 -9.46 -4.04 -7.36
CA GLU B 123 -10.83 -4.13 -7.85
C GLU B 123 -10.86 -3.99 -9.36
N ILE B 124 -11.96 -4.44 -9.93
CA ILE B 124 -12.30 -4.08 -11.32
C ILE B 124 -13.01 -2.74 -11.30
N PRO B 125 -12.61 -1.79 -12.14
CA PRO B 125 -13.29 -0.49 -12.18
C PRO B 125 -14.77 -0.64 -12.51
N LYS B 126 -15.60 0.09 -11.78
CA LYS B 126 -17.05 0.02 -11.91
C LYS B 126 -17.67 1.20 -11.20
N GLY B 127 -18.90 1.54 -11.58
CA GLY B 127 -19.61 2.59 -10.89
C GLY B 127 -21.10 2.51 -11.20
N LYS B 128 -21.85 3.42 -10.59
CA LYS B 128 -23.30 3.37 -10.71
C LYS B 128 -23.74 4.07 -11.99
N PRO B 129 -24.70 3.51 -12.71
CA PRO B 129 -25.16 4.15 -13.94
C PRO B 129 -25.86 5.48 -13.65
N LYS B 130 -25.70 6.41 -14.58
CA LYS B 130 -26.35 7.70 -14.49
C LYS B 130 -27.82 7.56 -14.88
N GLU B 131 -28.55 8.68 -14.91
CA GLU B 131 -29.99 8.58 -15.04
C GLU B 131 -30.38 8.08 -16.43
N ASP B 132 -31.09 6.95 -16.44
CA ASP B 132 -31.45 6.21 -17.65
C ASP B 132 -30.31 6.17 -18.67
N GLU B 133 -29.15 5.71 -18.19
CA GLU B 133 -27.98 5.41 -19.00
C GLU B 133 -27.91 3.91 -19.18
N SER B 134 -27.57 3.46 -20.39
CA SER B 134 -27.48 2.03 -20.63
C SER B 134 -26.25 1.44 -19.94
N ASP B 135 -26.26 0.12 -19.77
CA ASP B 135 -25.23 -0.55 -18.98
C ASP B 135 -23.86 -0.46 -19.66
N LEU B 136 -23.80 -0.75 -20.95
CA LEU B 136 -22.53 -0.70 -21.67
C LEU B 136 -21.95 0.71 -21.66
N THR B 137 -22.80 1.71 -21.92
CA THR B 137 -22.36 3.09 -21.88
C THR B 137 -21.82 3.45 -20.51
N CYS B 138 -22.48 2.98 -19.45
CA CYS B 138 -22.03 3.26 -18.09
C CYS B 138 -20.68 2.62 -17.81
N ALA B 139 -20.53 1.34 -18.17
CA ALA B 139 -19.25 0.67 -17.96
C ALA B 139 -18.13 1.41 -18.68
N ILE B 140 -18.37 1.81 -19.94
CA ILE B 140 -17.32 2.48 -20.71
C ILE B 140 -16.98 3.83 -20.08
N ARG B 141 -18.01 4.61 -19.73
CA ARG B 141 -17.79 5.92 -19.12
C ARG B 141 -17.02 5.80 -17.81
N GLU B 142 -17.44 4.88 -16.94
CA GLU B 142 -16.76 4.70 -15.65
C GLU B 142 -15.33 4.21 -15.84
N PHE B 143 -15.11 3.28 -16.76
CA PHE B 143 -13.76 2.82 -17.07
C PHE B 143 -12.87 4.01 -17.44
N GLU B 144 -13.34 4.86 -18.35
CA GLU B 144 -12.55 6.02 -18.74
C GLU B 144 -12.36 6.97 -17.56
N GLU B 145 -13.41 7.16 -16.77
CA GLU B 145 -13.33 8.04 -15.60
C GLU B 145 -12.22 7.61 -14.67
N GLU B 146 -12.14 6.30 -14.38
CA GLU B 146 -11.23 5.82 -13.35
C GLU B 146 -9.81 5.63 -13.87
N THR B 147 -9.68 5.04 -15.06
CA THR B 147 -8.38 4.68 -15.61
C THR B 147 -7.87 5.64 -16.66
N GLY B 148 -8.73 6.49 -17.21
CA GLY B 148 -8.32 7.36 -18.29
C GLY B 148 -8.13 6.70 -19.63
N ILE B 149 -8.49 5.41 -19.75
CA ILE B 149 -8.38 4.68 -21.01
C ILE B 149 -9.64 4.93 -21.83
N THR B 150 -9.47 5.47 -23.02
CA THR B 150 -10.61 5.81 -23.87
C THR B 150 -11.04 4.63 -24.72
N ARG B 151 -12.19 4.79 -25.40
CA ARG B 151 -12.75 3.71 -26.20
C ARG B 151 -11.85 3.37 -27.38
N GLU B 152 -11.04 4.34 -27.83
CA GLU B 152 -10.04 4.15 -28.87
C GLU B 152 -9.17 2.91 -28.63
N TYR B 153 -8.89 2.59 -27.38
CA TYR B 153 -7.88 1.58 -27.05
C TYR B 153 -8.41 0.16 -27.05
N TYR B 154 -9.72 -0.06 -27.16
CA TYR B 154 -10.24 -1.41 -26.97
C TYR B 154 -11.52 -1.60 -27.76
N GLN B 155 -11.81 -2.88 -28.04
CA GLN B 155 -13.06 -3.30 -28.65
C GLN B 155 -13.85 -4.13 -27.63
N ILE B 156 -15.13 -3.76 -27.44
CA ILE B 156 -16.02 -4.56 -26.63
C ILE B 156 -16.32 -5.88 -27.33
N LEU B 157 -16.33 -6.96 -26.55
CA LEU B 157 -16.79 -8.25 -27.06
C LEU B 157 -18.18 -8.51 -26.49
N PRO B 158 -19.25 -8.21 -27.24
CA PRO B 158 -20.57 -8.05 -26.62
C PRO B 158 -21.19 -9.34 -26.08
N GLU B 159 -20.67 -10.51 -26.43
CA GLU B 159 -21.35 -11.73 -26.03
C GLU B 159 -20.96 -12.18 -24.63
N PHE B 160 -20.10 -11.44 -23.95
CA PHE B 160 -19.76 -11.68 -22.56
C PHE B 160 -20.50 -10.68 -21.68
N LYS B 161 -21.23 -11.21 -20.68
CA LYS B 161 -21.79 -10.38 -19.62
C LYS B 161 -21.88 -11.25 -18.37
N LYS B 162 -21.28 -10.80 -17.28
CA LYS B 162 -21.24 -11.56 -16.04
C LYS B 162 -21.86 -10.75 -14.92
N SER B 163 -22.81 -11.35 -14.21
CA SER B 163 -23.46 -10.71 -13.07
C SER B 163 -23.11 -11.45 -11.78
N MET B 164 -22.89 -10.68 -10.72
CA MET B 164 -22.57 -11.19 -9.40
C MET B 164 -23.45 -10.49 -8.37
N SER B 165 -23.90 -11.24 -7.38
CA SER B 165 -24.78 -10.70 -6.34
C SER B 165 -24.19 -10.99 -4.96
N TYR B 166 -24.10 -9.96 -4.13
CA TYR B 166 -23.68 -10.09 -2.76
C TYR B 166 -24.75 -9.47 -1.86
N PHE B 167 -24.80 -9.95 -0.63
CA PHE B 167 -25.70 -9.40 0.37
C PHE B 167 -24.86 -9.01 1.58
N ASP B 168 -25.02 -7.77 2.03
CA ASP B 168 -24.35 -7.27 3.23
C ASP B 168 -25.22 -7.33 4.47
N GLY B 169 -26.52 -7.53 4.31
CA GLY B 169 -27.42 -7.61 5.43
C GLY B 169 -28.74 -6.92 5.18
N LYS B 170 -28.68 -5.67 4.71
CA LYS B 170 -29.87 -5.01 4.19
C LYS B 170 -29.71 -4.42 2.80
N THR B 171 -28.48 -4.22 2.32
CA THR B 171 -28.24 -3.77 0.95
C THR B 171 -27.81 -4.95 0.10
N GLU B 172 -28.48 -5.15 -1.04
CA GLU B 172 -28.10 -6.15 -2.02
C GLU B 172 -27.29 -5.46 -3.10
N TYR B 173 -26.06 -5.95 -3.33
CA TYR B 173 -25.15 -5.40 -4.33
C TYR B 173 -25.14 -6.31 -5.55
N LYS B 174 -25.46 -5.75 -6.72
CA LYS B 174 -25.32 -6.45 -7.98
C LYS B 174 -24.26 -5.78 -8.84
N HIS B 175 -23.30 -6.58 -9.32
CA HIS B 175 -22.19 -6.11 -10.12
C HIS B 175 -22.28 -6.75 -11.50
N ILE B 176 -22.22 -5.93 -12.55
CA ILE B 176 -22.37 -6.38 -13.93
C ILE B 176 -21.10 -6.02 -14.69
N TYR B 177 -20.52 -7.01 -15.37
CA TYR B 177 -19.24 -6.85 -16.03
C TYR B 177 -19.35 -7.20 -17.52
N PHE B 178 -18.93 -6.27 -18.37
CA PHE B 178 -18.66 -6.50 -19.78
C PHE B 178 -17.19 -6.85 -19.97
N LEU B 179 -16.84 -7.26 -21.19
CA LEU B 179 -15.49 -7.69 -21.52
C LEU B 179 -14.96 -6.90 -22.71
N ALA B 180 -13.73 -6.43 -22.61
CA ALA B 180 -13.11 -5.66 -23.68
C ALA B 180 -11.71 -6.20 -23.95
N MET B 181 -11.31 -6.12 -25.21
CA MET B 181 -9.99 -6.56 -25.65
C MET B 181 -9.21 -5.37 -26.19
N LEU B 182 -7.97 -5.22 -25.70
CA LEU B 182 -7.09 -4.15 -26.14
C LEU B 182 -6.83 -4.24 -27.63
N CYS B 183 -7.05 -3.13 -28.34
CA CYS B 183 -6.83 -3.06 -29.78
C CYS B 183 -5.80 -2.01 -30.16
N LYS B 184 -4.92 -1.63 -29.22
CA LYS B 184 -3.97 -0.52 -29.28
C LYS B 184 -3.02 -0.62 -28.09
N SER B 185 -1.73 -0.37 -28.33
CA SER B 185 -0.73 -0.62 -27.30
C SER B 185 -0.95 0.27 -26.08
N LEU B 186 -0.76 -0.31 -24.89
CA LEU B 186 -0.87 0.43 -23.63
C LEU B 186 0.00 -0.33 -22.62
N GLU B 187 1.29 0.00 -22.60
CA GLU B 187 2.25 -0.73 -21.78
C GLU B 187 2.19 -0.34 -20.31
N GLU B 188 1.94 0.94 -19.99
CA GLU B 188 2.07 1.47 -18.63
C GLU B 188 0.80 2.17 -18.25
N PRO B 189 -0.26 1.42 -17.89
CA PRO B 189 -1.51 2.06 -17.49
C PRO B 189 -1.37 2.94 -16.26
N ASN B 190 -0.42 2.63 -15.38
CA ASN B 190 -0.25 3.42 -14.16
C ASN B 190 0.12 4.86 -14.45
N MET B 191 0.73 5.13 -15.61
CA MET B 191 1.08 6.50 -15.94
C MET B 191 -0.14 7.38 -16.19
N ASN B 192 -1.33 6.79 -16.34
CA ASN B 192 -2.52 7.63 -16.45
C ASN B 192 -2.96 8.21 -15.10
N LEU B 193 -2.34 7.80 -14.00
CA LEU B 193 -2.65 8.30 -12.67
C LEU B 193 -1.82 9.56 -12.42
N SER B 194 -2.48 10.71 -12.42
CA SER B 194 -1.81 11.97 -12.12
C SER B 194 -2.75 12.82 -11.28
N LEU B 195 -2.16 13.66 -10.42
CA LEU B 195 -2.96 14.49 -9.53
C LEU B 195 -3.73 15.58 -10.28
N GLN B 196 -3.42 15.81 -11.55
CA GLN B 196 -4.20 16.74 -12.37
C GLN B 196 -5.52 16.15 -12.82
N TYR B 197 -5.75 14.85 -12.64
CA TYR B 197 -7.01 14.19 -12.96
C TYR B 197 -7.66 13.79 -11.65
N GLU B 198 -8.47 14.70 -11.09
CA GLU B 198 -9.06 14.50 -9.76
C GLU B 198 -9.83 13.20 -9.66
N ASN B 199 -10.56 12.83 -10.71
CA ASN B 199 -11.43 11.66 -10.65
C ASN B 199 -10.69 10.35 -10.76
N ARG B 200 -9.49 10.34 -11.35
CA ARG B 200 -8.71 9.12 -11.41
C ARG B 200 -8.09 8.77 -10.06
N ILE B 201 -7.45 9.75 -9.42
CA ILE B 201 -6.81 9.50 -8.13
C ILE B 201 -7.79 9.52 -6.97
N ALA B 202 -9.05 9.91 -7.20
CA ALA B 202 -10.02 10.08 -6.12
C ALA B 202 -10.06 8.86 -5.21
N GLU B 203 -10.12 7.66 -5.80
CA GLU B 203 -10.20 6.43 -5.02
C GLU B 203 -9.16 5.40 -5.47
N ILE B 204 -8.16 5.81 -6.25
CA ILE B 204 -7.22 4.88 -6.86
C ILE B 204 -5.80 5.30 -6.52
N SER B 205 -5.00 4.32 -6.10
CA SER B 205 -3.59 4.53 -5.83
C SER B 205 -2.66 3.90 -6.85
N LYS B 206 -3.18 3.00 -7.70
CA LYS B 206 -2.35 2.29 -8.67
C LYS B 206 -3.24 1.64 -9.71
N ILE B 207 -2.78 1.65 -10.96
CA ILE B 207 -3.40 0.91 -12.06
C ILE B 207 -2.34 -0.02 -12.63
N SER B 208 -2.71 -1.28 -12.84
CA SER B 208 -1.72 -2.26 -13.28
C SER B 208 -2.39 -3.33 -14.13
N TRP B 209 -1.62 -3.87 -15.08
CA TRP B 209 -1.98 -5.13 -15.72
C TRP B 209 -1.72 -6.27 -14.75
N GLN B 210 -2.64 -7.22 -14.68
CA GLN B 210 -2.50 -8.37 -13.80
C GLN B 210 -2.87 -9.63 -14.56
N ASN B 211 -1.96 -10.61 -14.56
CA ASN B 211 -2.26 -11.92 -15.12
C ASN B 211 -3.06 -12.74 -14.11
N MET B 212 -3.42 -13.96 -14.52
CA MET B 212 -4.28 -14.79 -13.67
C MET B 212 -3.56 -15.19 -12.39
N GLU B 213 -2.26 -15.43 -12.47
CA GLU B 213 -1.45 -15.70 -11.28
C GLU B 213 -1.56 -14.57 -10.26
N ALA B 214 -1.41 -13.33 -10.73
CA ALA B 214 -1.55 -12.18 -9.84
C ALA B 214 -2.97 -12.08 -9.28
N VAL B 215 -3.98 -12.34 -10.12
CA VAL B 215 -5.36 -12.28 -9.65
C VAL B 215 -5.58 -13.26 -8.50
N ARG B 216 -5.07 -14.49 -8.65
CA ARG B 216 -5.23 -15.49 -7.58
C ARG B 216 -4.45 -15.09 -6.33
N PHE B 217 -3.20 -14.62 -6.51
CA PHE B 217 -2.38 -14.20 -5.38
C PHE B 217 -3.09 -13.11 -4.58
N ILE B 218 -3.58 -12.06 -5.26
CA ILE B 218 -4.28 -10.98 -4.58
C ILE B 218 -5.56 -11.50 -3.93
N SER B 219 -6.34 -12.29 -4.67
CA SER B 219 -7.64 -12.73 -4.17
C SER B 219 -7.49 -13.52 -2.87
N LYS B 220 -6.43 -14.32 -2.74
CA LYS B 220 -6.26 -15.07 -1.50
C LYS B 220 -5.73 -14.22 -0.35
N ARG B 221 -5.50 -12.91 -0.56
CA ARG B 221 -4.97 -12.04 0.48
C ARG B 221 -5.83 -10.80 0.72
N GLN B 222 -7.07 -10.79 0.22
CA GLN B 222 -7.96 -9.66 0.44
C GLN B 222 -9.39 -10.18 0.50
N SER B 223 -10.29 -9.33 0.99
CA SER B 223 -11.67 -9.75 1.20
C SER B 223 -12.44 -9.93 -0.10
N PHE B 224 -12.00 -9.27 -1.16
CA PHE B 224 -12.69 -9.30 -2.45
C PHE B 224 -12.07 -10.40 -3.30
N ASN B 225 -12.84 -11.43 -3.62
CA ASN B 225 -12.37 -12.54 -4.44
C ASN B 225 -12.61 -12.21 -5.91
N LEU B 226 -11.53 -11.95 -6.66
CA LEU B 226 -11.62 -11.56 -8.06
C LEU B 226 -11.62 -12.73 -9.02
N GLU B 227 -11.26 -13.92 -8.56
CA GLU B 227 -11.06 -15.06 -9.45
C GLU B 227 -12.37 -15.55 -10.07
N PRO B 228 -13.50 -15.55 -9.35
CA PRO B 228 -14.77 -15.92 -10.01
C PRO B 228 -15.21 -14.98 -11.11
N MET B 229 -14.68 -13.75 -11.17
CA MET B 229 -14.98 -12.85 -12.27
C MET B 229 -13.97 -12.96 -13.40
N ILE B 230 -12.68 -12.88 -13.05
CA ILE B 230 -11.63 -12.85 -14.07
C ILE B 230 -11.51 -14.20 -14.77
N GLY B 231 -11.78 -15.29 -14.05
CA GLY B 231 -11.71 -16.62 -14.61
C GLY B 231 -12.53 -16.80 -15.88
N PRO B 232 -13.84 -16.58 -15.79
CA PRO B 232 -14.68 -16.67 -17.00
C PRO B 232 -14.28 -15.67 -18.09
N ALA B 233 -13.81 -14.48 -17.71
CA ALA B 233 -13.36 -13.52 -18.71
C ALA B 233 -12.18 -14.06 -19.49
N PHE B 234 -11.17 -14.60 -18.79
CA PHE B 234 -10.00 -15.14 -19.47
C PHE B 234 -10.36 -16.39 -20.26
N ASN B 235 -11.30 -17.18 -19.77
CA ASN B 235 -11.82 -18.31 -20.55
C ASN B 235 -12.39 -17.85 -21.87
N PHE B 236 -13.26 -16.83 -21.83
CA PHE B 236 -13.83 -16.25 -23.03
C PHE B 236 -12.74 -15.73 -23.96
N ILE B 237 -11.73 -15.07 -23.40
CA ILE B 237 -10.63 -14.54 -24.23
C ILE B 237 -9.91 -15.67 -24.94
N LYS B 238 -9.65 -16.77 -24.23
CA LYS B 238 -9.00 -17.92 -24.85
C LYS B 238 -9.82 -18.47 -26.01
N ASN B 239 -11.14 -18.60 -25.79
CA ASN B 239 -12.01 -19.10 -26.87
C ASN B 239 -12.01 -18.14 -28.06
N TYR B 240 -12.05 -16.84 -27.79
CA TYR B 240 -11.99 -15.82 -28.84
C TYR B 240 -10.69 -15.91 -29.62
N LEU B 241 -9.57 -16.15 -28.92
CA LEU B 241 -8.27 -16.19 -29.58
C LEU B 241 -8.12 -17.44 -30.42
N ARG B 242 -8.65 -18.57 -29.95
CA ARG B 242 -8.60 -19.81 -30.69
C ARG B 242 -9.52 -19.81 -31.91
N TYR B 243 -10.25 -18.73 -32.14
CA TYR B 243 -11.09 -18.62 -33.34
C TYR B 243 -10.44 -17.73 -34.40
#